data_5RCA
#
_entry.id   5RCA
#
_cell.length_a   45.131
_cell.length_b   72.994
_cell.length_c   52.411
_cell.angle_alpha   90.000
_cell.angle_beta   109.180
_cell.angle_gamma   90.000
#
_symmetry.space_group_name_H-M   'P 1 21 1'
#
loop_
_entity.id
_entity.type
_entity.pdbx_description
1 polymer Endothiapepsin
2 non-polymer N-ethyl-2-{[5-(propan-2-yl)-1,3,4-oxadiazol-2-yl]sulfanyl}acetamide
3 non-polymer 'DIMETHYL SULFOXIDE'
4 non-polymer GLYCEROL
5 non-polymer 'ACETATE ION'
6 non-polymer 'TETRAETHYLENE GLYCOL'
7 non-polymer 'SODIUM ION'
8 water water
#
_entity_poly.entity_id   1
_entity_poly.type   'polypeptide(L)'
_entity_poly.pdbx_seq_one_letter_code
;MSSPLKNALVTAMLAGGALSSPTKQHVGIPVNASPEVGPGKYSFKQVRNPNYKFNGPLSVKKTYLKYGVPIPAWLEDAVQ
NSTSGLAERSTGSATTTPIDSLDDAYITPVQIGTPAQTLNLDFDTGSSDLWVFSSETTASEVDGQTIYTPSKSTTAKLLS
GATWSISYGDGSSSSGDVYTDTVSVGGLTVTGQAVESAKKVSSSFTEDSTIDGLLGLAFSTLNTVSPTQQKTFFDNAKAS
LDSPVFTADLGYHAPGTYNFGFIDTTAYTGSITYTAVSTKQGFWEWTSTGYAVGSGTFKSTSIDGIADTGTTLLYLPATV
VSAYWAQVSGAKSSSSVGGYVFPCSATLPSFTFGVGSARIVIPGDYIDFGPISTGSSSCFGGIQSSAGIGINIFGDVALK
AAFVVFNGATTPTLGFASK
;
_entity_poly.pdbx_strand_id   A
#
# COMPACT_ATOMS: atom_id res chain seq x y z
N SER A 90 22.24 3.92 1.10
CA SER A 90 21.84 2.74 0.29
C SER A 90 20.53 3.05 -0.43
N THR A 91 20.28 2.25 -1.45
CA THR A 91 18.98 2.28 -2.19
C THR A 91 18.63 0.87 -2.57
N GLY A 92 17.39 0.68 -2.98
CA GLY A 92 16.95 -0.56 -3.63
C GLY A 92 15.97 -0.21 -4.73
N SER A 93 15.85 -1.11 -5.69
CA SER A 93 14.91 -0.91 -6.83
C SER A 93 14.43 -2.25 -7.30
N ALA A 94 13.15 -2.54 -7.25
CA ALA A 94 12.62 -3.85 -7.63
C ALA A 94 11.44 -3.63 -8.55
N THR A 95 11.30 -4.51 -9.52
CA THR A 95 10.14 -4.51 -10.40
C THR A 95 8.98 -5.20 -9.76
N THR A 96 7.81 -4.62 -9.91
CA THR A 96 6.56 -5.20 -9.42
C THR A 96 5.66 -5.55 -10.59
N THR A 97 5.02 -6.71 -10.55
CA THR A 97 4.38 -7.30 -11.74
C THR A 97 2.94 -7.64 -11.38
N PRO A 98 1.94 -7.24 -12.18
N PRO A 98 1.96 -7.31 -12.23
N PRO A 98 1.94 -7.24 -12.18
N PRO A 98 1.96 -7.31 -12.23
CA PRO A 98 0.58 -7.72 -11.96
CA PRO A 98 0.56 -7.62 -11.90
CA PRO A 98 0.58 -7.72 -11.96
CA PRO A 98 0.56 -7.62 -11.92
C PRO A 98 0.47 -9.24 -11.86
C PRO A 98 0.37 -9.14 -11.93
C PRO A 98 0.48 -9.25 -11.87
C PRO A 98 0.37 -9.14 -11.93
N ILE A 99 -0.40 -9.69 -10.98
CA ILE A 99 -0.58 -11.15 -10.82
C ILE A 99 -1.48 -11.71 -11.90
N ASP A 100 -2.25 -10.89 -12.58
CA ASP A 100 -3.23 -11.37 -13.57
C ASP A 100 -3.58 -10.26 -14.49
N SER A 101 -4.47 -10.53 -15.45
CA SER A 101 -4.80 -9.59 -16.53
C SER A 101 -5.64 -8.40 -16.05
N LEU A 102 -6.09 -8.43 -14.83
CA LEU A 102 -6.93 -7.34 -14.28
C LEU A 102 -6.13 -6.43 -13.38
N ASP A 103 -4.85 -6.70 -13.12
CA ASP A 103 -4.09 -5.95 -12.10
C ASP A 103 -4.75 -6.11 -10.73
N ASP A 104 -5.15 -7.32 -10.39
CA ASP A 104 -5.78 -7.50 -9.09
C ASP A 104 -4.83 -7.21 -7.92
N ALA A 105 -3.57 -7.49 -8.14
CA ALA A 105 -2.52 -7.22 -7.15
C ALA A 105 -1.23 -7.29 -7.91
N TYR A 106 -0.15 -6.88 -7.26
CA TYR A 106 1.18 -6.83 -7.81
C TYR A 106 2.13 -7.59 -6.92
N ILE A 107 3.03 -8.34 -7.49
CA ILE A 107 4.06 -9.09 -6.75
C ILE A 107 5.44 -8.58 -7.07
N THR A 108 6.28 -8.62 -6.05
CA THR A 108 7.64 -8.11 -6.12
C THR A 108 8.54 -9.17 -5.52
N PRO A 109 9.63 -9.57 -6.19
CA PRO A 109 10.48 -10.61 -5.62
C PRO A 109 11.27 -10.04 -4.44
N VAL A 110 11.38 -10.86 -3.42
CA VAL A 110 12.06 -10.54 -2.15
C VAL A 110 12.97 -11.69 -1.77
N GLN A 111 14.22 -11.39 -1.47
CA GLN A 111 15.17 -12.41 -1.03
C GLN A 111 15.14 -12.52 0.48
N ILE A 112 14.93 -13.72 0.99
CA ILE A 112 14.88 -13.96 2.45
C ILE A 112 15.91 -15.03 2.77
N GLY A 113 16.72 -14.79 3.76
CA GLY A 113 17.58 -15.86 4.29
C GLY A 113 18.88 -15.99 3.57
N THR A 114 19.66 -16.98 4.03
CA THR A 114 21.01 -17.28 3.49
C THR A 114 21.17 -18.79 3.39
N PRO A 115 21.38 -19.35 2.20
CA PRO A 115 21.31 -18.66 0.91
C PRO A 115 19.91 -18.11 0.68
N ALA A 116 19.81 -17.17 -0.25
CA ALA A 116 18.55 -16.48 -0.51
C ALA A 116 17.49 -17.47 -0.90
N GLN A 117 16.30 -17.23 -0.36
CA GLN A 117 15.06 -17.86 -0.80
C GLN A 117 14.20 -16.74 -1.39
N THR A 118 13.90 -16.75 -2.65
CA THR A 118 13.17 -15.66 -3.29
C THR A 118 11.69 -16.00 -3.26
N LEU A 119 10.92 -15.14 -2.65
CA LEU A 119 9.46 -15.21 -2.58
C LEU A 119 8.86 -13.98 -3.24
N ASN A 120 7.73 -14.15 -3.86
CA ASN A 120 7.02 -13.06 -4.52
C ASN A 120 5.95 -12.48 -3.59
N LEU A 121 6.22 -11.28 -3.07
CA LEU A 121 5.36 -10.72 -2.04
C LEU A 121 4.55 -9.58 -2.57
N ASP A 122 3.39 -9.40 -1.97
CA ASP A 122 2.48 -8.30 -2.24
C ASP A 122 2.85 -7.14 -1.34
N PHE A 123 3.44 -6.11 -1.87
CA PHE A 123 3.86 -4.92 -1.09
C PHE A 123 2.61 -4.12 -0.78
N ASP A 124 2.36 -3.90 0.49
CA ASP A 124 1.07 -3.39 0.97
C ASP A 124 1.29 -2.17 1.84
N THR A 125 1.06 -0.99 1.29
CA THR A 125 1.16 0.24 2.08
C THR A 125 0.00 0.41 3.06
N GLY A 126 -0.93 -0.48 3.09
CA GLY A 126 -2.01 -0.49 4.07
C GLY A 126 -1.87 -1.45 5.20
N SER A 127 -0.75 -2.11 5.37
CA SER A 127 -0.50 -2.97 6.54
C SER A 127 0.96 -2.97 6.85
N SER A 128 1.31 -3.66 7.93
N SER A 128 1.31 -3.66 7.93
N SER A 128 1.33 -3.55 7.98
N SER A 128 1.34 -3.56 7.99
CA SER A 128 2.63 -3.46 8.56
CA SER A 128 2.63 -3.47 8.56
CA SER A 128 2.71 -3.39 8.51
CA SER A 128 2.72 -3.40 8.51
C SER A 128 3.27 -4.76 9.00
C SER A 128 3.27 -4.76 9.00
C SER A 128 3.33 -4.72 8.95
C SER A 128 3.33 -4.74 8.95
N ASP A 129 2.87 -5.86 8.40
CA ASP A 129 3.46 -7.18 8.71
C ASP A 129 4.12 -7.68 7.44
N LEU A 130 5.29 -8.26 7.59
CA LEU A 130 5.95 -8.99 6.49
C LEU A 130 5.72 -10.44 6.85
N TRP A 131 4.82 -11.11 6.17
CA TRP A 131 4.52 -12.51 6.47
C TRP A 131 4.60 -13.32 5.21
N VAL A 132 4.94 -14.58 5.38
CA VAL A 132 5.20 -15.48 4.26
C VAL A 132 4.57 -16.83 4.49
N PHE A 133 4.15 -17.43 3.41
CA PHE A 133 3.96 -18.89 3.35
C PHE A 133 5.28 -19.53 3.73
N SER A 134 5.21 -20.65 4.45
CA SER A 134 6.43 -21.22 5.02
C SER A 134 6.30 -22.73 5.13
N SER A 135 7.40 -23.33 5.56
CA SER A 135 7.46 -24.77 5.91
C SER A 135 6.55 -25.05 7.09
N GLU A 136 6.04 -24.07 7.80
CA GLU A 136 5.16 -24.22 8.98
C GLU A 136 3.72 -24.10 8.55
N THR A 137 3.43 -23.66 7.34
CA THR A 137 2.02 -23.41 6.96
C THR A 137 1.30 -24.77 6.83
N THR A 138 0.15 -24.87 7.46
CA THR A 138 -0.74 -26.05 7.34
C THR A 138 -0.74 -26.54 5.89
N ALA A 139 -0.42 -27.80 5.65
CA ALA A 139 -0.15 -28.28 4.28
C ALA A 139 -1.39 -28.08 3.40
N SER A 140 -2.59 -28.35 3.91
CA SER A 140 -3.83 -28.21 3.12
C SER A 140 -4.13 -26.76 2.72
N GLU A 141 -3.41 -25.80 3.31
CA GLU A 141 -3.60 -24.36 3.02
C GLU A 141 -2.56 -23.84 2.04
N VAL A 142 -1.68 -24.67 1.58
CA VAL A 142 -0.68 -24.29 0.57
C VAL A 142 -1.11 -24.90 -0.75
N ASP A 143 -1.21 -24.13 -1.80
CA ASP A 143 -1.55 -24.61 -3.15
C ASP A 143 -0.74 -23.83 -4.20
N GLY A 144 0.50 -24.16 -4.35
CA GLY A 144 1.32 -23.61 -5.42
C GLY A 144 2.25 -22.48 -4.98
N GLN A 145 2.09 -21.94 -3.77
CA GLN A 145 2.97 -20.82 -3.33
C GLN A 145 4.37 -21.35 -3.14
N THR A 146 5.36 -20.48 -3.26
CA THR A 146 6.71 -20.76 -2.82
C THR A 146 6.76 -20.50 -1.32
N ILE A 147 7.41 -21.34 -0.59
CA ILE A 147 7.47 -21.25 0.88
C ILE A 147 8.86 -20.87 1.33
N TYR A 148 8.90 -20.14 2.42
CA TYR A 148 10.11 -19.85 3.19
C TYR A 148 10.35 -21.03 4.16
N THR A 149 11.56 -21.56 4.18
CA THR A 149 11.95 -22.65 5.10
C THR A 149 13.05 -22.12 5.99
N PRO A 150 12.74 -21.65 7.21
CA PRO A 150 13.78 -21.07 8.04
C PRO A 150 14.90 -22.04 8.39
N SER A 151 14.60 -23.32 8.47
CA SER A 151 15.62 -24.30 8.86
C SER A 151 16.69 -24.38 7.78
N LYS A 152 16.45 -23.91 6.56
CA LYS A 152 17.44 -23.92 5.49
C LYS A 152 18.19 -22.60 5.40
N SER A 153 17.93 -21.65 6.29
CA SER A 153 18.62 -20.36 6.29
C SER A 153 19.57 -20.30 7.46
N THR A 154 20.82 -20.02 7.17
CA THR A 154 21.87 -19.97 8.19
C THR A 154 21.74 -18.73 9.03
N THR A 155 20.94 -17.76 8.61
CA THR A 155 20.79 -16.48 9.31
C THR A 155 19.42 -16.42 10.02
N ALA A 156 18.57 -17.40 9.86
CA ALA A 156 17.26 -17.38 10.50
C ALA A 156 17.41 -17.64 12.02
N LYS A 157 16.66 -16.92 12.83
N LYS A 157 16.67 -16.92 12.81
N LYS A 157 16.66 -16.92 12.83
N LYS A 157 16.67 -16.92 12.81
CA LYS A 157 16.64 -17.08 14.32
CA LYS A 157 16.58 -17.23 14.24
CA LYS A 157 16.64 -17.08 14.32
CA LYS A 157 16.59 -17.22 14.25
C LYS A 157 15.20 -16.99 14.79
C LYS A 157 15.12 -17.11 14.66
C LYS A 157 15.20 -16.99 14.79
C LYS A 157 15.13 -17.10 14.66
N LEU A 158 14.66 -18.03 15.44
CA LEU A 158 13.31 -17.93 16.02
C LEU A 158 13.28 -16.70 16.90
N LEU A 159 12.26 -15.90 16.79
CA LEU A 159 11.99 -14.78 17.70
C LEU A 159 11.11 -15.38 18.80
N SER A 160 11.78 -15.87 19.84
N SER A 160 11.76 -15.79 19.88
N SER A 160 11.78 -15.87 19.84
N SER A 160 11.76 -15.79 19.88
CA SER A 160 11.14 -16.78 20.80
CA SER A 160 11.19 -16.67 20.91
CA SER A 160 11.13 -16.78 20.80
CA SER A 160 11.19 -16.67 20.91
C SER A 160 9.94 -16.11 21.48
C SER A 160 9.92 -16.06 21.52
C SER A 160 9.94 -16.11 21.48
C SER A 160 9.92 -16.06 21.52
N GLY A 161 8.81 -16.79 21.45
CA GLY A 161 7.58 -16.36 22.10
C GLY A 161 6.74 -15.48 21.26
N ALA A 162 7.23 -15.00 20.12
CA ALA A 162 6.48 -13.99 19.34
C ALA A 162 5.47 -14.71 18.45
N THR A 163 4.28 -14.15 18.40
CA THR A 163 3.22 -14.63 17.48
C THR A 163 2.62 -13.42 16.81
N TRP A 164 1.86 -13.75 15.76
CA TRP A 164 1.19 -12.68 15.00
C TRP A 164 -0.13 -13.24 14.48
N SER A 165 -1.02 -12.31 14.20
CA SER A 165 -2.35 -12.64 13.66
C SER A 165 -2.93 -11.38 13.08
N ILE A 166 -3.33 -11.48 11.82
CA ILE A 166 -3.83 -10.28 11.11
C ILE A 166 -5.08 -10.62 10.33
N SER A 167 -5.94 -9.62 10.27
CA SER A 167 -7.22 -9.63 9.53
C SER A 167 -7.18 -8.47 8.57
N TYR A 168 -7.50 -8.65 7.33
CA TYR A 168 -7.49 -7.55 6.34
C TYR A 168 -8.92 -7.07 6.09
N GLY A 169 -9.02 -5.94 5.41
CA GLY A 169 -10.30 -5.30 5.07
C GLY A 169 -11.19 -6.20 4.24
N ASP A 170 -10.64 -7.12 3.45
CA ASP A 170 -11.43 -8.02 2.59
C ASP A 170 -11.91 -9.24 3.37
N GLY A 171 -11.65 -9.36 4.68
CA GLY A 171 -12.05 -10.57 5.43
C GLY A 171 -11.01 -11.68 5.47
N SER A 172 -9.89 -11.53 4.75
CA SER A 172 -8.81 -12.54 4.73
C SER A 172 -7.99 -12.39 6.03
N SER A 173 -7.25 -13.43 6.31
CA SER A 173 -6.47 -13.47 7.56
C SER A 173 -5.36 -14.48 7.46
N SER A 174 -4.39 -14.33 8.39
CA SER A 174 -3.28 -15.25 8.51
C SER A 174 -2.71 -15.06 9.94
N SER A 175 -1.95 -16.07 10.34
CA SER A 175 -1.31 -16.02 11.67
C SER A 175 -0.17 -17.01 11.75
N GLY A 176 0.69 -16.82 12.75
CA GLY A 176 1.78 -17.76 12.93
C GLY A 176 2.77 -17.25 13.95
N ASP A 177 4.00 -17.71 13.73
CA ASP A 177 5.14 -17.35 14.61
C ASP A 177 6.16 -16.52 13.85
N VAL A 178 7.32 -16.23 14.41
CA VAL A 178 8.18 -15.17 13.86
C VAL A 178 9.60 -15.64 13.90
N TYR A 179 10.33 -15.36 12.84
CA TYR A 179 11.79 -15.50 12.76
C TYR A 179 12.38 -14.15 12.50
N THR A 180 13.62 -13.94 12.83
CA THR A 180 14.37 -12.83 12.26
C THR A 180 15.27 -13.40 11.20
N ASP A 181 15.47 -12.64 10.13
CA ASP A 181 16.37 -13.12 9.04
C ASP A 181 16.78 -11.89 8.23
N THR A 182 17.69 -12.13 7.32
CA THR A 182 18.13 -11.10 6.36
C THR A 182 17.13 -11.03 5.22
N VAL A 183 16.69 -9.85 4.88
CA VAL A 183 15.68 -9.65 3.81
C VAL A 183 16.26 -8.60 2.90
N SER A 184 16.23 -8.87 1.60
CA SER A 184 16.69 -7.93 0.57
C SER A 184 15.61 -7.67 -0.45
N VAL A 185 15.45 -6.44 -0.81
CA VAL A 185 14.51 -5.99 -1.85
C VAL A 185 15.28 -5.20 -2.84
N GLY A 186 15.41 -5.66 -4.06
CA GLY A 186 15.99 -4.84 -5.11
C GLY A 186 17.38 -4.40 -4.80
N GLY A 187 18.15 -5.22 -4.09
CA GLY A 187 19.53 -4.87 -3.73
C GLY A 187 19.67 -4.20 -2.39
N LEU A 188 18.62 -3.79 -1.70
CA LEU A 188 18.66 -3.17 -0.38
C LEU A 188 18.44 -4.23 0.68
N THR A 189 19.40 -4.39 1.57
CA THR A 189 19.40 -5.47 2.57
C THR A 189 19.13 -4.95 3.95
N VAL A 190 18.24 -5.60 4.69
CA VAL A 190 18.00 -5.40 6.12
C VAL A 190 18.36 -6.67 6.84
N THR A 191 19.21 -6.57 7.84
CA THR A 191 19.46 -7.72 8.72
C THR A 191 18.54 -7.63 9.92
N GLY A 192 18.18 -8.78 10.45
CA GLY A 192 17.34 -8.83 11.64
C GLY A 192 15.90 -8.42 11.35
N GLN A 193 15.41 -8.55 10.14
CA GLN A 193 14.02 -8.23 9.84
C GLN A 193 13.14 -9.33 10.42
N ALA A 194 12.04 -8.93 11.02
CA ALA A 194 11.01 -9.90 11.44
C ALA A 194 10.32 -10.47 10.21
N VAL A 195 10.39 -11.73 10.05
CA VAL A 195 9.74 -12.50 8.97
C VAL A 195 8.71 -13.36 9.66
N GLU A 196 7.46 -13.04 9.45
CA GLU A 196 6.34 -13.66 10.14
C GLU A 196 5.94 -14.90 9.36
N SER A 197 6.15 -16.06 9.89
CA SER A 197 5.93 -17.34 9.24
C SER A 197 4.51 -17.78 9.44
N ALA A 198 3.73 -17.99 8.40
CA ALA A 198 2.33 -18.38 8.56
C ALA A 198 2.21 -19.84 8.97
N LYS A 199 1.45 -20.03 10.03
CA LYS A 199 0.96 -21.39 10.35
C LYS A 199 -0.39 -21.60 9.70
N LYS A 200 -1.20 -20.59 9.60
CA LYS A 200 -2.55 -20.66 9.04
C LYS A 200 -2.78 -19.47 8.12
N VAL A 201 -3.45 -19.71 7.01
CA VAL A 201 -3.88 -18.63 6.12
C VAL A 201 -5.33 -18.91 5.75
N SER A 202 -6.06 -17.87 5.44
CA SER A 202 -7.48 -18.04 5.00
C SER A 202 -7.51 -18.41 3.54
N SER A 203 -8.69 -18.87 3.14
CA SER A 203 -8.92 -19.48 1.81
C SER A 203 -8.48 -18.54 0.67
N SER A 204 -8.69 -17.24 0.79
CA SER A 204 -8.34 -16.32 -0.32
C SER A 204 -6.84 -16.38 -0.55
N PHE A 205 -6.02 -16.58 0.50
CA PHE A 205 -4.56 -16.67 0.30
C PHE A 205 -4.22 -17.99 -0.34
N THR A 206 -4.79 -19.09 0.15
CA THR A 206 -4.51 -20.40 -0.41
C THR A 206 -4.81 -20.41 -1.92
N GLU A 207 -5.92 -19.81 -2.26
CA GLU A 207 -6.46 -19.86 -3.65
C GLU A 207 -5.64 -18.99 -4.59
N ASP A 208 -4.72 -18.19 -4.07
N ASP A 208 -4.89 -17.96 -4.08
CA ASP A 208 -3.92 -17.38 -4.98
CA ASP A 208 -4.01 -16.98 -4.81
C ASP A 208 -2.50 -17.95 -4.94
C ASP A 208 -2.58 -17.55 -4.93
N SER A 209 -2.13 -18.78 -5.89
N SER A 209 -2.36 -18.48 -5.85
CA SER A 209 -0.79 -19.41 -6.00
CA SER A 209 -1.09 -19.24 -5.92
C SER A 209 0.27 -18.36 -6.29
C SER A 209 0.13 -18.35 -6.22
N THR A 210 -0.12 -17.18 -6.76
CA THR A 210 0.88 -16.20 -7.24
C THR A 210 1.45 -15.37 -6.11
N ILE A 211 0.82 -15.31 -4.94
CA ILE A 211 1.25 -14.45 -3.82
C ILE A 211 1.81 -15.31 -2.71
N ASP A 212 3.08 -15.15 -2.43
CA ASP A 212 3.78 -15.95 -1.41
C ASP A 212 3.76 -15.30 -0.04
N GLY A 213 3.16 -14.13 0.06
CA GLY A 213 3.05 -13.41 1.34
C GLY A 213 2.96 -11.94 1.08
N LEU A 214 2.98 -11.18 2.15
CA LEU A 214 2.81 -9.72 2.11
C LEU A 214 4.01 -9.04 2.71
N LEU A 215 4.34 -7.87 2.21
CA LEU A 215 5.37 -7.03 2.81
C LEU A 215 4.72 -5.72 3.12
N GLY A 216 4.47 -5.49 4.41
CA GLY A 216 3.74 -4.27 4.83
C GLY A 216 4.62 -3.06 4.84
N LEU A 217 4.05 -1.96 4.38
N LEU A 217 4.05 -1.96 4.38
N LEU A 217 4.06 -1.93 4.41
N LEU A 217 4.07 -1.92 4.40
CA LEU A 217 4.75 -0.67 4.27
CA LEU A 217 4.75 -0.67 4.27
CA LEU A 217 4.82 -0.66 4.24
CA LEU A 217 4.82 -0.66 4.22
C LEU A 217 3.93 0.45 4.91
C LEU A 217 3.93 0.45 4.91
C LEU A 217 4.06 0.53 4.82
C LEU A 217 4.06 0.53 4.79
N ALA A 218 2.91 0.12 5.69
N ALA A 218 2.91 0.12 5.69
N ALA A 218 3.04 0.27 5.62
N ALA A 218 3.04 0.28 5.61
CA ALA A 218 2.27 1.14 6.54
CA ALA A 218 2.27 1.14 6.54
CA ALA A 218 2.45 1.32 6.47
CA ALA A 218 2.43 1.29 6.49
C ALA A 218 3.19 1.41 7.73
C ALA A 218 3.19 1.41 7.73
C ALA A 218 3.29 1.43 7.75
C ALA A 218 3.30 1.41 7.75
N PHE A 219 2.66 2.06 8.76
N PHE A 219 2.66 2.06 8.76
N PHE A 219 2.95 2.37 8.61
N PHE A 219 2.94 2.32 8.65
CA PHE A 219 3.52 2.47 9.89
CA PHE A 219 3.52 2.47 9.89
CA PHE A 219 3.77 2.63 9.82
CA PHE A 219 3.76 2.61 9.86
C PHE A 219 3.65 1.29 10.85
C PHE A 219 3.65 1.29 10.85
C PHE A 219 3.71 1.44 10.79
C PHE A 219 3.67 1.43 10.84
N SER A 220 4.79 1.23 11.52
N SER A 220 4.79 1.23 11.52
N SER A 220 4.82 1.18 11.51
N SER A 220 4.81 1.15 11.52
CA SER A 220 5.11 0.05 12.36
CA SER A 220 5.10 0.06 12.37
CA SER A 220 5.06 -0.07 12.28
CA SER A 220 5.07 -0.11 12.28
C SER A 220 4.15 -0.04 13.55
C SER A 220 4.15 -0.04 13.55
C SER A 220 4.09 -0.24 13.47
C SER A 220 4.09 -0.25 13.47
N THR A 221 3.52 1.06 13.94
N THR A 221 3.52 1.06 13.94
N THR A 221 3.26 0.77 13.73
N THR A 221 3.27 0.77 13.72
CA THR A 221 2.48 1.04 14.98
CA THR A 221 2.48 1.04 14.98
CA THR A 221 2.27 0.85 14.84
CA THR A 221 2.30 0.84 14.85
C THR A 221 1.38 0.05 14.64
C THR A 221 1.37 0.05 14.64
C THR A 221 1.08 -0.08 14.55
C THR A 221 1.10 -0.06 14.56
N LEU A 222 1.17 -0.30 13.36
N LEU A 222 1.17 -0.30 13.36
N LEU A 222 0.91 -0.64 13.34
N LEU A 222 0.96 -0.59 13.35
CA LEU A 222 0.13 -1.30 13.00
CA LEU A 222 0.13 -1.30 13.00
CA LEU A 222 -0.13 -1.65 13.03
CA LEU A 222 -0.08 -1.58 12.96
C LEU A 222 0.63 -2.74 13.00
C LEU A 222 0.64 -2.75 13.01
C LEU A 222 0.45 -3.07 13.07
C LEU A 222 0.48 -3.00 13.07
N ASN A 223 1.90 -3.00 13.27
N ASN A 223 1.90 -3.00 13.27
N ASN A 223 1.76 -3.17 13.18
N ASN A 223 1.80 -3.13 13.16
CA ASN A 223 2.41 -4.38 13.18
CA ASN A 223 2.41 -4.38 13.18
CA ASN A 223 2.42 -4.48 13.16
CA ASN A 223 2.45 -4.46 13.16
C ASN A 223 1.77 -5.26 14.26
C ASN A 223 1.77 -5.27 14.26
C ASN A 223 1.77 -5.28 14.25
C ASN A 223 1.79 -5.27 14.26
N THR A 224 1.41 -6.49 13.94
CA THR A 224 0.61 -7.33 14.85
C THR A 224 1.46 -8.25 15.70
N VAL A 225 2.77 -8.22 15.63
CA VAL A 225 3.55 -9.17 16.45
C VAL A 225 3.38 -8.85 17.93
N SER A 226 3.18 -9.90 18.71
CA SER A 226 3.02 -9.85 20.17
C SER A 226 3.99 -10.85 20.75
N PRO A 227 4.56 -10.57 21.95
CA PRO A 227 4.31 -9.39 22.76
C PRO A 227 5.17 -8.20 22.46
N THR A 228 6.08 -8.32 21.49
CA THR A 228 7.04 -7.26 21.13
C THR A 228 6.74 -6.87 19.69
N GLN A 229 6.12 -5.73 19.48
CA GLN A 229 5.79 -5.24 18.13
C GLN A 229 7.08 -5.13 17.35
N GLN A 230 7.00 -5.45 16.05
CA GLN A 230 8.15 -5.40 15.13
C GLN A 230 8.04 -4.27 14.12
N LYS A 231 9.19 -3.91 13.60
CA LYS A 231 9.29 -2.88 12.56
C LYS A 231 9.14 -3.41 11.16
N THR A 232 8.58 -2.56 10.30
N THR A 232 8.58 -2.56 10.30
N THR A 232 8.55 -2.58 10.29
N THR A 232 8.55 -2.58 10.29
CA THR A 232 8.52 -2.88 8.86
CA THR A 232 8.52 -2.87 8.86
CA THR A 232 8.48 -2.87 8.85
CA THR A 232 8.46 -2.86 8.84
C THR A 232 9.90 -2.90 8.25
C THR A 232 9.92 -2.90 8.25
C THR A 232 9.88 -2.85 8.23
C THR A 232 9.86 -2.83 8.23
N PHE A 233 9.98 -3.45 7.06
CA PHE A 233 11.20 -3.44 6.26
C PHE A 233 11.64 -2.01 6.04
N PHE A 234 10.72 -1.14 5.66
N PHE A 234 10.72 -1.14 5.67
N PHE A 234 10.68 -1.09 5.82
N PHE A 234 10.68 -1.10 5.80
CA PHE A 234 11.09 0.27 5.39
CA PHE A 234 11.08 0.28 5.42
CA PHE A 234 10.95 0.35 5.56
CA PHE A 234 10.94 0.34 5.54
C PHE A 234 11.62 0.93 6.65
C PHE A 234 11.63 0.91 6.70
C PHE A 234 11.42 1.05 6.84
C PHE A 234 11.42 1.04 6.81
N ASP A 235 10.93 0.80 7.77
N ASP A 235 11.03 0.68 7.85
N ASP A 235 10.71 0.81 7.93
N ASP A 235 10.74 0.79 7.92
CA ASP A 235 11.40 1.39 9.05
CA ASP A 235 11.56 1.33 9.09
CA ASP A 235 11.09 1.40 9.24
CA ASP A 235 11.10 1.39 9.24
C ASP A 235 12.84 0.89 9.31
C ASP A 235 12.89 0.71 9.50
C ASP A 235 12.52 0.99 9.54
C ASP A 235 12.53 0.96 9.60
N ASN A 236 13.09 -0.42 9.25
N ASN A 236 13.14 -0.56 9.25
N ASN A 236 12.87 -0.29 9.40
N ASN A 236 12.89 -0.30 9.34
CA ASN A 236 14.43 -0.99 9.52
CA ASN A 236 14.48 -1.11 9.50
CA ASN A 236 14.24 -0.81 9.62
CA ASN A 236 14.25 -0.84 9.60
C ASN A 236 15.46 -0.52 8.51
C ASN A 236 15.49 -0.57 8.50
C ASN A 236 15.24 -0.13 8.68
C ASN A 236 15.28 -0.14 8.70
N ALA A 237 15.09 -0.30 7.26
N ALA A 237 15.10 -0.32 7.25
N ALA A 237 14.94 -0.03 7.39
N ALA A 237 14.99 -0.02 7.40
CA ALA A 237 15.99 0.17 6.19
CA ALA A 237 15.99 0.16 6.18
CA ALA A 237 15.92 0.40 6.38
CA ALA A 237 15.95 0.46 6.38
C ALA A 237 16.33 1.65 6.32
C ALA A 237 16.33 1.65 6.32
C ALA A 237 16.15 1.91 6.48
C ALA A 237 16.11 1.98 6.47
N LYS A 238 15.43 2.44 6.91
N LYS A 238 15.42 2.43 6.90
N LYS A 238 15.25 2.64 7.11
N LYS A 238 15.20 2.66 7.17
CA LYS A 238 15.27 3.91 6.64
CA LYS A 238 15.27 3.91 6.64
CA LYS A 238 15.45 4.11 7.19
CA LYS A 238 15.10 4.14 7.17
C LYS A 238 16.55 4.70 6.95
C LYS A 238 16.54 4.70 6.95
C LYS A 238 16.95 4.44 7.42
C LYS A 238 16.45 4.79 7.50
N ALA A 239 17.19 4.44 8.09
N ALA A 239 17.18 4.46 8.10
N ALA A 239 17.60 3.80 8.40
N ALA A 239 17.20 4.22 8.46
CA ALA A 239 18.41 5.16 8.52
CA ALA A 239 18.40 5.18 8.53
CA ALA A 239 18.89 4.26 8.99
CA ALA A 239 18.45 4.80 8.99
C ALA A 239 19.53 4.86 7.51
C ALA A 239 19.52 4.89 7.51
C ALA A 239 19.92 4.39 7.87
C ALA A 239 19.51 4.87 7.88
N SER A 240 19.55 3.67 6.92
N SER A 240 19.54 3.69 6.92
N SER A 240 19.66 3.69 6.78
N SER A 240 19.46 3.92 6.95
CA SER A 240 20.55 3.23 5.91
CA SER A 240 20.55 3.24 5.92
CA SER A 240 20.70 3.41 5.79
CA SER A 240 20.56 3.61 6.01
C SER A 240 20.30 3.87 4.54
C SER A 240 20.29 3.88 4.55
C SER A 240 20.36 4.12 4.48
C SER A 240 20.29 4.21 4.63
N LEU A 241 19.11 4.41 4.30
N LEU A 241 19.11 4.41 4.30
N LEU A 241 19.09 4.43 4.25
N LEU A 241 19.02 4.47 4.31
CA LEU A 241 18.77 4.87 2.93
CA LEU A 241 18.77 4.87 2.93
CA LEU A 241 18.59 4.98 2.97
CA LEU A 241 18.59 4.95 2.98
C LEU A 241 19.38 6.23 2.65
C LEU A 241 19.38 6.23 2.65
C LEU A 241 19.21 6.33 2.64
C LEU A 241 19.23 6.30 2.65
N ASP A 242 19.58 6.53 1.38
CA ASP A 242 20.09 7.85 0.98
C ASP A 242 19.09 8.93 1.35
N SER A 243 17.81 8.71 1.06
N SER A 243 17.80 8.68 1.12
N SER A 243 17.79 8.59 1.37
N SER A 243 17.82 8.51 1.51
CA SER A 243 16.69 9.64 1.32
CA SER A 243 16.68 9.52 1.58
CA SER A 243 16.69 9.51 1.70
CA SER A 243 16.71 9.31 2.10
C SER A 243 15.61 8.78 1.94
C SER A 243 15.63 8.63 2.23
C SER A 243 15.58 8.62 2.23
C SER A 243 15.63 8.38 2.65
N PRO A 244 14.91 9.23 3.00
N PRO A 244 14.86 9.16 3.18
N PRO A 244 14.94 8.92 3.37
N PRO A 244 14.86 8.79 3.66
CA PRO A 244 14.02 8.38 3.79
CA PRO A 244 13.92 8.32 3.94
CA PRO A 244 14.00 7.98 4.00
CA PRO A 244 13.81 7.92 4.20
C PRO A 244 12.62 8.18 3.17
C PRO A 244 12.58 8.15 3.20
C PRO A 244 12.61 7.92 3.32
C PRO A 244 12.53 7.90 3.33
N VAL A 245 12.64 7.51 2.04
CA VAL A 245 11.48 7.48 1.14
C VAL A 245 11.43 6.14 0.45
N PHE A 246 10.22 5.78 0.02
CA PHE A 246 10.08 4.77 -1.03
C PHE A 246 9.07 5.29 -2.01
N THR A 247 9.08 4.77 -3.22
CA THR A 247 8.16 5.21 -4.26
C THR A 247 7.50 4.00 -4.88
N ALA A 248 6.23 4.20 -5.22
CA ALA A 248 5.42 3.22 -5.91
C ALA A 248 5.10 3.74 -7.27
N ASP A 249 5.42 2.96 -8.29
CA ASP A 249 5.17 3.27 -9.70
C ASP A 249 4.51 2.08 -10.31
N LEU A 250 3.22 1.91 -10.08
CA LEU A 250 2.49 0.72 -10.52
C LEU A 250 2.10 0.89 -11.96
N GLY A 251 2.16 -0.21 -12.72
CA GLY A 251 1.78 -0.21 -14.13
C GLY A 251 0.33 -0.55 -14.32
N TYR A 252 -0.24 -0.07 -15.40
CA TYR A 252 -1.55 -0.49 -15.90
C TYR A 252 -1.30 -1.63 -16.87
N HIS A 253 -1.71 -2.81 -16.47
CA HIS A 253 -1.56 -4.01 -17.29
C HIS A 253 -0.11 -4.16 -17.71
N ALA A 254 0.83 -3.84 -16.81
CA ALA A 254 2.26 -3.85 -17.14
C ALA A 254 3.02 -3.81 -15.84
N PRO A 255 4.27 -4.24 -15.85
CA PRO A 255 5.13 -4.11 -14.68
C PRO A 255 5.42 -2.65 -14.35
N GLY A 256 5.80 -2.45 -13.10
CA GLY A 256 6.19 -1.16 -12.54
C GLY A 256 7.32 -1.35 -11.61
N THR A 257 7.52 -0.40 -10.70
CA THR A 257 8.71 -0.35 -9.87
C THR A 257 8.40 0.12 -8.46
N TYR A 258 9.03 -0.49 -7.48
CA TYR A 258 9.17 0.04 -6.12
C TYR A 258 10.62 0.42 -5.96
N ASN A 259 10.88 1.67 -5.61
CA ASN A 259 12.23 2.14 -5.27
C ASN A 259 12.29 2.51 -3.82
N PHE A 260 13.43 2.27 -3.19
CA PHE A 260 13.70 2.63 -1.80
C PHE A 260 14.90 3.55 -1.76
N GLY A 261 14.77 4.69 -1.12
CA GLY A 261 15.89 5.58 -0.79
C GLY A 261 16.16 6.59 -1.81
N PHE A 262 15.45 6.72 -2.91
CA PHE A 262 15.70 7.75 -3.90
C PHE A 262 14.44 7.96 -4.71
N ILE A 263 14.37 9.10 -5.37
N ILE A 263 14.34 9.17 -5.26
N ILE A 263 14.37 9.10 -5.37
N ILE A 263 14.34 9.17 -5.25
CA ILE A 263 13.23 9.48 -6.23
CA ILE A 263 13.37 9.55 -6.33
CA ILE A 263 13.23 9.49 -6.22
CA ILE A 263 13.36 9.55 -6.32
C ILE A 263 13.77 9.56 -7.66
C ILE A 263 14.00 9.38 -7.70
C ILE A 263 13.77 9.56 -7.66
C ILE A 263 13.99 9.38 -7.69
N ASP A 264 13.33 8.64 -8.54
CA ASP A 264 13.76 8.57 -9.93
C ASP A 264 13.07 9.68 -10.68
N THR A 265 13.83 10.75 -10.97
CA THR A 265 13.24 11.93 -11.65
C THR A 265 12.95 11.61 -13.09
N THR A 266 13.32 10.48 -13.65
CA THR A 266 12.96 10.08 -15.02
C THR A 266 11.60 9.38 -15.09
N ALA A 267 11.04 9.02 -13.93
CA ALA A 267 9.89 8.10 -13.87
C ALA A 267 8.58 8.88 -13.87
N TYR A 268 8.57 10.19 -13.88
CA TYR A 268 7.32 10.96 -13.86
C TYR A 268 7.45 12.19 -14.72
N THR A 269 6.36 12.82 -15.04
CA THR A 269 6.29 14.04 -15.83
C THR A 269 5.90 15.18 -14.91
N GLY A 270 6.27 16.40 -15.27
CA GLY A 270 5.94 17.57 -14.45
C GLY A 270 6.60 17.51 -13.09
N SER A 271 5.92 18.02 -12.09
N SER A 271 5.91 18.04 -12.10
N SER A 271 5.91 18.02 -12.09
N SER A 271 5.91 18.03 -12.09
CA SER A 271 6.45 18.11 -10.72
CA SER A 271 6.39 18.15 -10.70
CA SER A 271 6.45 18.12 -10.72
CA SER A 271 6.39 18.15 -10.70
C SER A 271 5.66 17.20 -9.78
C SER A 271 5.69 17.13 -9.82
C SER A 271 5.66 17.20 -9.78
C SER A 271 5.69 17.13 -9.82
N ILE A 272 6.25 16.89 -8.64
CA ILE A 272 5.61 16.08 -7.60
C ILE A 272 4.94 17.06 -6.68
N THR A 273 3.67 16.83 -6.38
CA THR A 273 2.94 17.61 -5.38
C THR A 273 2.87 16.85 -4.10
N TYR A 274 3.40 17.39 -3.06
CA TYR A 274 3.39 16.77 -1.75
C TYR A 274 2.23 17.23 -0.91
N THR A 275 1.73 16.36 -0.07
CA THR A 275 0.54 16.60 0.77
C THR A 275 0.76 15.96 2.11
N ALA A 276 0.15 16.54 3.13
CA ALA A 276 0.37 16.10 4.50
C ALA A 276 -0.20 14.74 4.77
N VAL A 277 0.35 14.07 5.76
N VAL A 277 0.34 14.08 5.76
N VAL A 277 0.62 13.95 5.47
N VAL A 277 0.60 13.95 5.49
CA VAL A 277 -0.07 12.72 6.15
CA VAL A 277 -0.07 12.72 6.15
CA VAL A 277 0.23 12.61 5.99
CA VAL A 277 0.23 12.60 6.00
C VAL A 277 -0.40 12.73 7.64
C VAL A 277 -0.40 12.73 7.64
C VAL A 277 -0.02 12.70 7.49
C VAL A 277 -0.03 12.68 7.49
N SER A 278 -1.48 12.06 8.01
N SER A 278 -1.48 12.06 8.01
N SER A 278 -1.14 12.10 7.91
N SER A 278 -1.14 12.10 7.92
CA SER A 278 -1.78 11.72 9.41
CA SER A 278 -1.78 11.72 9.41
CA SER A 278 -1.40 11.78 9.32
CA SER A 278 -1.41 11.77 9.33
C SER A 278 -1.36 10.27 9.64
C SER A 278 -1.35 10.28 9.64
C SER A 278 -1.06 10.30 9.55
C SER A 278 -1.08 10.30 9.55
N THR A 279 -0.58 10.02 10.68
N THR A 279 -0.58 10.02 10.68
N THR A 279 -0.28 10.01 10.58
N THR A 279 -0.20 9.99 10.49
CA THR A 279 -0.20 8.65 11.08
CA THR A 279 -0.20 8.65 11.08
CA THR A 279 0.05 8.60 10.90
CA THR A 279 0.13 8.61 10.88
C THR A 279 -1.12 8.14 12.20
C THR A 279 -1.13 8.15 12.21
C THR A 279 -0.65 8.14 12.19
C THR A 279 -0.64 8.26 12.15
N LYS A 280 -2.20 8.88 12.50
N LYS A 280 -2.20 8.88 12.50
N LYS A 280 -1.61 8.91 12.68
N LYS A 280 -1.54 9.15 12.56
CA LYS A 280 -3.03 8.61 13.70
CA LYS A 280 -3.03 8.61 13.70
CA LYS A 280 -2.28 8.57 13.96
CA LYS A 280 -2.30 9.03 13.83
C LYS A 280 -3.61 7.20 13.68
C LYS A 280 -3.61 7.20 13.68
C LYS A 280 -2.95 7.19 13.87
C LYS A 280 -2.99 7.66 13.86
N GLN A 281 -3.92 6.65 12.50
N GLN A 281 -3.92 6.65 12.50
N GLN A 281 -3.52 6.85 12.71
N GLN A 281 -3.33 7.09 12.70
CA GLN A 281 -4.53 5.32 12.35
CA GLN A 281 -4.53 5.32 12.35
CA GLN A 281 -4.17 5.54 12.56
CA GLN A 281 -4.01 5.76 12.61
C GLN A 281 -3.48 4.32 11.83
C GLN A 281 -3.49 4.32 11.83
C GLN A 281 -3.16 4.54 11.99
C GLN A 281 -3.08 4.72 12.00
N GLY A 282 -2.21 4.71 11.74
N GLY A 282 -2.20 4.70 11.74
N GLY A 282 -1.92 4.98 11.74
N GLY A 282 -1.82 5.07 11.76
CA GLY A 282 -1.14 3.81 11.26
CA GLY A 282 -1.15 3.80 11.26
CA GLY A 282 -0.81 4.11 11.29
CA GLY A 282 -0.76 4.15 11.31
C GLY A 282 -0.99 3.78 9.75
C GLY A 282 -0.99 3.78 9.75
C GLY A 282 -0.89 3.73 9.82
C GLY A 282 -0.79 3.87 9.81
N PHE A 283 -1.71 4.62 9.03
N PHE A 283 -1.72 4.62 9.04
N PHE A 283 -1.86 4.28 9.09
N PHE A 283 -1.84 4.30 9.12
CA PHE A 283 -1.75 4.55 7.55
CA PHE A 283 -1.75 4.55 7.55
CA PHE A 283 -1.90 4.22 7.62
CA PHE A 283 -1.90 4.24 7.63
C PHE A 283 -1.09 5.77 6.94
C PHE A 283 -1.09 5.77 6.94
C PHE A 283 -1.27 5.49 7.05
C PHE A 283 -1.26 5.49 7.04
N TRP A 284 -0.86 5.71 5.64
N TRP A 284 -0.87 5.71 5.63
N TRP A 284 -0.93 5.41 5.76
N TRP A 284 -0.91 5.41 5.76
CA TRP A 284 -0.50 6.87 4.81
CA TRP A 284 -0.50 6.87 4.81
CA TRP A 284 -0.54 6.59 4.95
CA TRP A 284 -0.54 6.60 4.94
C TRP A 284 -1.77 7.62 4.46
C TRP A 284 -1.77 7.62 4.46
C TRP A 284 -1.83 7.37 4.63
C TRP A 284 -1.81 7.38 4.61
N GLU A 285 -2.30 8.29 5.49
N GLU A 285 -2.30 8.29 5.49
N GLU A 285 -2.29 8.17 5.59
N GLU A 285 -2.27 8.19 5.56
CA GLU A 285 -3.64 8.90 5.43
CA GLU A 285 -3.64 8.90 5.43
CA GLU A 285 -3.58 8.89 5.47
CA GLU A 285 -3.58 8.89 5.47
C GLU A 285 -3.48 10.37 5.09
C GLU A 285 -3.48 10.37 5.09
C GLU A 285 -3.36 10.34 5.00
C GLU A 285 -3.36 10.34 5.01
N TRP A 286 -4.19 10.82 4.08
CA TRP A 286 -4.05 12.14 3.48
C TRP A 286 -5.42 12.65 3.10
N THR A 287 -5.50 13.84 2.62
CA THR A 287 -6.77 14.46 2.23
C THR A 287 -6.69 14.94 0.81
N SER A 288 -7.43 14.31 -0.07
CA SER A 288 -7.59 14.80 -1.44
C SER A 288 -8.43 16.06 -1.44
N THR A 289 -8.16 16.91 -2.39
CA THR A 289 -8.84 18.21 -2.51
C THR A 289 -10.06 18.16 -3.41
N GLY A 290 -10.40 17.03 -4.03
CA GLY A 290 -11.68 16.94 -4.74
C GLY A 290 -11.59 16.02 -5.93
N TYR A 291 -12.58 16.13 -6.80
CA TYR A 291 -12.63 15.18 -7.90
C TYR A 291 -13.37 15.76 -9.05
N ALA A 292 -13.18 15.14 -10.19
CA ALA A 292 -14.00 15.42 -11.38
C ALA A 292 -14.33 14.09 -12.05
N VAL A 293 -15.44 14.05 -12.76
CA VAL A 293 -15.86 12.87 -13.54
C VAL A 293 -15.71 13.20 -15.00
N GLY A 294 -14.94 12.47 -15.74
CA GLY A 294 -14.78 12.76 -17.16
C GLY A 294 -14.31 14.17 -17.38
N SER A 295 -14.95 14.83 -18.34
N SER A 295 -14.97 14.83 -18.33
N SER A 295 -14.94 14.83 -18.34
N SER A 295 -14.93 14.85 -18.33
CA SER A 295 -14.63 16.21 -18.72
CA SER A 295 -14.67 16.23 -18.75
CA SER A 295 -14.59 16.22 -18.70
CA SER A 295 -14.59 16.25 -18.70
C SER A 295 -15.42 17.20 -17.86
C SER A 295 -15.29 17.23 -17.78
C SER A 295 -15.42 17.20 -17.86
C SER A 295 -15.28 17.25 -17.76
N GLY A 296 -16.06 16.77 -16.78
CA GLY A 296 -16.85 17.62 -15.91
C GLY A 296 -16.03 18.55 -15.07
N THR A 297 -16.74 19.48 -14.44
CA THR A 297 -16.12 20.48 -13.57
C THR A 297 -15.50 19.79 -12.35
N PHE A 298 -14.45 20.32 -11.87
CA PHE A 298 -13.81 19.82 -10.65
C PHE A 298 -14.60 20.26 -9.44
N LYS A 299 -14.96 19.36 -8.56
CA LYS A 299 -15.65 19.59 -7.31
C LYS A 299 -14.62 19.67 -6.21
N SER A 300 -14.48 20.84 -5.59
CA SER A 300 -13.57 21.07 -4.45
C SER A 300 -14.20 20.51 -3.21
N THR A 301 -13.65 19.48 -2.60
CA THR A 301 -14.22 18.87 -1.42
C THR A 301 -13.10 18.05 -0.79
N SER A 302 -12.98 18.05 0.48
CA SER A 302 -11.96 17.26 1.20
C SER A 302 -12.35 15.83 1.28
N ILE A 303 -11.47 14.92 0.85
CA ILE A 303 -11.76 13.47 0.95
C ILE A 303 -10.57 12.86 1.67
N ASP A 304 -10.70 12.60 2.95
N ASP A 304 -10.78 12.41 2.88
N ASP A 304 -10.71 12.60 2.95
N ASP A 304 -10.76 12.48 2.93
CA ASP A 304 -9.68 11.87 3.69
CA ASP A 304 -9.72 11.84 3.71
CA ASP A 304 -9.70 11.86 3.73
CA ASP A 304 -9.70 11.85 3.77
C ASP A 304 -9.63 10.47 3.10
C ASP A 304 -9.63 10.34 3.43
C ASP A 304 -9.63 10.45 3.15
C ASP A 304 -9.63 10.36 3.44
N GLY A 305 -8.44 9.87 3.06
CA GLY A 305 -8.35 8.47 2.71
C GLY A 305 -6.92 7.99 2.85
N ILE A 306 -6.69 6.74 2.53
CA ILE A 306 -5.35 6.15 2.67
C ILE A 306 -4.81 5.78 1.32
N ALA A 307 -3.51 5.86 1.16
CA ALA A 307 -2.82 5.38 -0.04
C ALA A 307 -2.44 3.95 0.21
N ASP A 308 -3.10 2.97 -0.46
CA ASP A 308 -3.01 1.55 -0.10
C ASP A 308 -2.71 0.68 -1.33
N THR A 309 -1.46 0.31 -1.51
CA THR A 309 -1.06 -0.48 -2.66
C THR A 309 -1.62 -1.88 -2.58
N GLY A 310 -2.03 -2.31 -1.41
CA GLY A 310 -2.56 -3.65 -1.20
C GLY A 310 -4.05 -3.76 -1.43
N THR A 311 -4.72 -2.70 -1.83
CA THR A 311 -6.14 -2.72 -2.19
C THR A 311 -6.24 -2.50 -3.69
N THR A 312 -7.04 -3.32 -4.35
CA THR A 312 -7.11 -3.25 -5.82
C THR A 312 -7.81 -1.97 -6.28
N LEU A 313 -8.95 -1.65 -5.70
CA LEU A 313 -9.89 -0.66 -6.23
C LEU A 313 -9.79 0.68 -5.51
N LEU A 314 -10.54 1.63 -6.02
CA LEU A 314 -10.66 2.99 -5.43
C LEU A 314 -11.98 3.05 -4.70
N TYR A 315 -11.97 3.20 -3.39
CA TYR A 315 -13.17 3.24 -2.54
C TYR A 315 -13.36 4.65 -2.04
N LEU A 316 -14.47 5.28 -2.42
CA LEU A 316 -14.73 6.70 -2.13
C LEU A 316 -16.14 6.85 -1.57
N PRO A 317 -16.46 8.04 -1.07
CA PRO A 317 -17.79 8.20 -0.49
C PRO A 317 -18.88 7.95 -1.50
N ALA A 318 -20.04 7.53 -1.01
CA ALA A 318 -21.14 7.13 -1.87
C ALA A 318 -21.59 8.26 -2.77
N THR A 319 -21.51 9.47 -2.32
CA THR A 319 -21.90 10.63 -3.15
C THR A 319 -21.03 10.70 -4.41
N VAL A 320 -19.72 10.55 -4.19
CA VAL A 320 -18.73 10.68 -5.29
C VAL A 320 -18.93 9.55 -6.24
N VAL A 321 -19.07 8.35 -5.74
CA VAL A 321 -19.18 7.13 -6.55
C VAL A 321 -20.46 7.17 -7.36
N SER A 322 -21.58 7.62 -6.74
CA SER A 322 -22.85 7.74 -7.50
C SER A 322 -22.68 8.76 -8.62
N ALA A 323 -22.02 9.86 -8.37
CA ALA A 323 -21.78 10.87 -9.41
C ALA A 323 -20.99 10.29 -10.57
N TYR A 324 -20.01 9.44 -10.29
CA TYR A 324 -19.22 8.82 -11.35
C TYR A 324 -20.12 7.89 -12.17
N TRP A 325 -20.76 6.92 -11.55
CA TRP A 325 -21.46 5.87 -12.28
C TRP A 325 -22.73 6.41 -12.95
N ALA A 326 -23.26 7.53 -12.50
CA ALA A 326 -24.38 8.17 -13.19
C ALA A 326 -24.00 8.56 -14.61
N GLN A 327 -22.71 8.70 -14.90
CA GLN A 327 -22.27 9.05 -16.28
C GLN A 327 -22.08 7.84 -17.12
N VAL A 328 -22.44 6.64 -16.71
CA VAL A 328 -22.28 5.41 -17.50
C VAL A 328 -23.66 4.81 -17.68
N SER A 329 -24.18 4.83 -18.90
N SER A 329 -24.12 4.75 -18.93
N SER A 329 -24.18 4.83 -18.90
N SER A 329 -24.12 4.75 -18.93
CA SER A 329 -25.55 4.33 -19.19
CA SER A 329 -25.44 4.19 -19.31
CA SER A 329 -25.54 4.32 -19.19
CA SER A 329 -25.46 4.21 -19.28
C SER A 329 -25.60 2.84 -18.81
C SER A 329 -25.56 2.76 -18.79
C SER A 329 -25.59 2.83 -18.81
C SER A 329 -25.57 2.76 -18.79
N GLY A 330 -26.57 2.49 -17.98
CA GLY A 330 -26.81 1.12 -17.55
C GLY A 330 -26.03 0.72 -16.31
N ALA A 331 -25.19 1.60 -15.77
CA ALA A 331 -24.46 1.23 -14.53
C ALA A 331 -25.40 1.22 -13.34
N LYS A 332 -25.18 0.35 -12.40
CA LYS A 332 -26.02 0.27 -11.22
C LYS A 332 -25.22 -0.41 -10.15
N SER A 333 -25.66 -0.18 -8.92
CA SER A 333 -25.13 -0.89 -7.75
C SER A 333 -25.93 -2.18 -7.57
N SER A 334 -25.26 -3.30 -7.55
CA SER A 334 -25.84 -4.64 -7.41
C SER A 334 -25.44 -5.20 -6.04
N SER A 335 -26.42 -5.39 -5.14
N SER A 335 -26.45 -5.36 -5.17
N SER A 335 -26.42 -5.39 -5.14
N SER A 335 -26.45 -5.36 -5.18
CA SER A 335 -26.16 -6.04 -3.83
CA SER A 335 -26.32 -6.04 -3.87
CA SER A 335 -26.16 -6.04 -3.84
CA SER A 335 -26.33 -6.04 -3.86
C SER A 335 -25.81 -7.52 -4.05
C SER A 335 -25.83 -7.48 -4.08
C SER A 335 -25.80 -7.52 -4.07
C SER A 335 -25.83 -7.47 -4.07
N SER A 336 -26.33 -8.15 -5.11
CA SER A 336 -25.99 -9.57 -5.42
C SER A 336 -24.51 -9.69 -5.79
N VAL A 337 -24.00 -8.73 -6.57
CA VAL A 337 -22.58 -8.81 -7.02
C VAL A 337 -21.66 -8.22 -5.97
N GLY A 338 -22.12 -7.24 -5.22
CA GLY A 338 -21.31 -6.54 -4.23
C GLY A 338 -20.68 -5.25 -4.70
N GLY A 339 -21.35 -4.53 -5.57
CA GLY A 339 -20.92 -3.17 -5.89
C GLY A 339 -21.47 -2.76 -7.22
N TYR A 340 -20.97 -1.66 -7.71
CA TYR A 340 -21.32 -1.13 -9.03
C TYR A 340 -20.78 -2.03 -10.14
N VAL A 341 -21.72 -2.29 -11.05
CA VAL A 341 -21.49 -3.00 -12.31
C VAL A 341 -21.97 -2.12 -13.43
N PHE A 342 -21.48 -2.41 -14.61
CA PHE A 342 -21.78 -1.61 -15.81
C PHE A 342 -21.80 -2.54 -17.01
N PRO A 343 -22.45 -2.08 -18.10
CA PRO A 343 -22.44 -2.92 -19.30
C PRO A 343 -21.06 -2.98 -19.86
N CYS A 344 -20.64 -4.21 -20.21
CA CYS A 344 -19.32 -4.36 -20.79
C CYS A 344 -19.17 -3.62 -22.13
N SER A 345 -20.26 -3.24 -22.75
CA SER A 345 -20.21 -2.43 -24.00
C SER A 345 -19.89 -0.98 -23.74
N ALA A 346 -19.86 -0.53 -22.49
CA ALA A 346 -19.67 0.91 -22.19
C ALA A 346 -18.24 1.31 -22.42
N THR A 347 -18.08 2.60 -22.72
CA THR A 347 -16.81 3.34 -22.63
C THR A 347 -16.85 4.16 -21.36
N LEU A 348 -15.92 3.93 -20.44
CA LEU A 348 -15.96 4.59 -19.12
C LEU A 348 -15.31 5.96 -19.21
N PRO A 349 -15.84 6.93 -18.48
CA PRO A 349 -15.17 8.21 -18.31
C PRO A 349 -13.97 8.10 -17.39
N SER A 350 -13.08 9.06 -17.53
CA SER A 350 -11.98 9.20 -16.59
C SER A 350 -12.49 9.66 -15.23
N PHE A 351 -11.63 9.59 -14.25
CA PHE A 351 -11.87 10.10 -12.92
C PHE A 351 -10.68 10.89 -12.49
N THR A 352 -10.85 12.12 -12.05
CA THR A 352 -9.74 12.94 -11.60
C THR A 352 -9.81 13.09 -10.11
N PHE A 353 -8.71 13.01 -9.39
CA PHE A 353 -8.66 13.36 -7.98
C PHE A 353 -7.64 14.45 -7.74
N GLY A 354 -7.91 15.31 -6.76
CA GLY A 354 -7.02 16.42 -6.42
C GLY A 354 -5.99 16.01 -5.41
N VAL A 355 -4.78 16.56 -5.61
CA VAL A 355 -3.67 16.52 -4.65
C VAL A 355 -3.21 17.95 -4.51
N GLY A 356 -3.61 18.60 -3.44
CA GLY A 356 -3.40 20.05 -3.38
C GLY A 356 -4.02 20.69 -4.60
N SER A 357 -3.30 21.59 -5.27
N SER A 357 -3.27 21.57 -5.27
N SER A 357 -3.31 21.60 -5.27
N SER A 357 -3.27 21.57 -5.27
CA SER A 357 -3.78 22.25 -6.51
CA SER A 357 -3.71 22.27 -6.49
CA SER A 357 -3.78 22.25 -6.51
CA SER A 357 -3.74 22.26 -6.50
C SER A 357 -3.54 21.38 -7.75
C SER A 357 -3.52 21.39 -7.73
C SER A 357 -3.54 21.38 -7.75
C SER A 357 -3.52 21.40 -7.74
N ALA A 358 -2.88 20.23 -7.58
CA ALA A 358 -2.61 19.33 -8.71
C ALA A 358 -3.77 18.34 -8.92
N ARG A 359 -3.72 17.70 -10.04
CA ARG A 359 -4.80 16.78 -10.46
C ARG A 359 -4.18 15.53 -11.00
N ILE A 360 -4.66 14.36 -10.61
CA ILE A 360 -4.26 13.07 -11.17
C ILE A 360 -5.49 12.53 -11.89
N VAL A 361 -5.29 12.21 -13.13
CA VAL A 361 -6.36 11.65 -13.97
C VAL A 361 -6.23 10.16 -14.12
N ILE A 362 -7.26 9.43 -13.71
CA ILE A 362 -7.38 7.99 -13.89
C ILE A 362 -8.10 7.76 -15.18
N PRO A 363 -7.48 7.24 -16.23
CA PRO A 363 -8.21 6.95 -17.47
C PRO A 363 -9.35 5.98 -17.21
N GLY A 364 -10.41 6.14 -18.02
CA GLY A 364 -11.57 5.26 -17.92
C GLY A 364 -11.23 3.79 -17.98
N ASP A 365 -10.26 3.42 -18.83
N ASP A 365 -10.29 3.35 -18.83
N ASP A 365 -10.26 3.43 -18.84
N ASP A 365 -10.29 3.35 -18.83
CA ASP A 365 -9.94 1.99 -18.98
CA ASP A 365 -10.05 1.89 -18.94
CA ASP A 365 -9.93 2.01 -18.98
CA ASP A 365 -10.05 1.89 -18.94
C ASP A 365 -9.44 1.41 -17.65
C ASP A 365 -9.34 1.36 -17.69
C ASP A 365 -9.45 1.42 -17.66
C ASP A 365 -9.34 1.36 -17.69
N TYR A 366 -8.83 2.22 -16.82
CA TYR A 366 -8.29 1.72 -15.53
C TYR A 366 -9.44 1.27 -14.62
N ILE A 367 -10.64 1.75 -14.87
CA ILE A 367 -11.81 1.55 -13.98
C ILE A 367 -12.57 0.30 -14.41
N ASP A 368 -12.09 -0.37 -15.48
N ASP A 368 -12.23 -0.30 -15.55
CA ASP A 368 -12.73 -1.61 -15.97
CA ASP A 368 -12.95 -1.51 -16.04
C ASP A 368 -12.09 -2.82 -15.33
C ASP A 368 -12.23 -2.78 -15.51
N PHE A 369 -12.92 -3.53 -14.57
CA PHE A 369 -12.40 -4.78 -14.00
C PHE A 369 -13.09 -5.99 -14.62
N GLY A 370 -13.66 -5.83 -15.78
CA GLY A 370 -14.05 -6.94 -16.65
C GLY A 370 -15.29 -7.65 -16.14
N PRO A 371 -15.65 -8.73 -16.87
CA PRO A 371 -16.88 -9.45 -16.59
C PRO A 371 -16.96 -9.89 -15.15
N ILE A 372 -18.13 -9.89 -14.58
CA ILE A 372 -18.30 -10.31 -13.17
C ILE A 372 -18.11 -11.80 -13.05
N SER A 373 -18.35 -12.53 -14.08
CA SER A 373 -18.11 -13.99 -14.20
C SER A 373 -17.76 -14.22 -15.62
N THR A 374 -17.05 -15.30 -15.89
CA THR A 374 -16.58 -15.56 -17.21
C THR A 374 -17.74 -15.51 -18.23
N GLY A 375 -17.65 -14.78 -19.31
CA GLY A 375 -18.62 -14.67 -20.35
C GLY A 375 -19.77 -13.70 -20.12
N SER A 376 -19.82 -13.11 -18.91
CA SER A 376 -20.90 -12.17 -18.60
C SER A 376 -20.74 -10.89 -19.39
N SER A 377 -21.82 -10.25 -19.70
CA SER A 377 -21.80 -8.89 -20.26
C SER A 377 -21.97 -7.82 -19.22
N SER A 378 -22.01 -8.17 -17.95
N SER A 378 -21.96 -8.19 -17.94
N SER A 378 -22.01 -8.17 -17.95
N SER A 378 -21.96 -8.19 -17.94
CA SER A 378 -21.91 -7.20 -16.85
CA SER A 378 -21.93 -7.28 -16.78
CA SER A 378 -21.91 -7.21 -16.85
CA SER A 378 -21.94 -7.28 -16.77
C SER A 378 -20.46 -7.18 -16.40
C SER A 378 -20.50 -7.18 -16.25
C SER A 378 -20.48 -7.19 -16.39
C SER A 378 -20.50 -7.18 -16.25
N CYS A 379 -19.94 -5.98 -16.26
CA CYS A 379 -18.54 -5.75 -15.87
C CYS A 379 -18.50 -5.07 -14.51
N PHE A 380 -17.45 -5.38 -13.80
CA PHE A 380 -17.29 -4.85 -12.42
C PHE A 380 -16.53 -3.52 -12.44
N GLY A 381 -17.06 -2.57 -11.71
CA GLY A 381 -16.41 -1.26 -11.65
C GLY A 381 -15.20 -1.15 -10.75
N GLY A 382 -14.28 -0.29 -11.12
CA GLY A 382 -13.09 -0.08 -10.33
C GLY A 382 -13.19 1.03 -9.31
N ILE A 383 -14.26 1.75 -9.30
CA ILE A 383 -14.56 2.77 -8.29
C ILE A 383 -15.78 2.25 -7.57
N GLN A 384 -15.68 2.12 -6.25
CA GLN A 384 -16.73 1.53 -5.41
C GLN A 384 -16.91 2.38 -4.19
N SER A 385 -18.07 2.24 -3.55
CA SER A 385 -18.35 3.01 -2.34
C SER A 385 -17.57 2.47 -1.15
N SER A 386 -17.06 3.41 -0.38
CA SER A 386 -16.42 3.10 0.90
C SER A 386 -17.40 3.04 2.06
N ALA A 387 -18.71 3.13 1.80
N ALA A 387 -18.68 3.34 1.84
N ALA A 387 -18.70 3.16 1.80
N ALA A 387 -18.67 3.36 1.84
CA ALA A 387 -19.74 3.06 2.85
CA ALA A 387 -19.62 3.58 2.96
CA ALA A 387 -19.74 3.10 2.85
CA ALA A 387 -19.60 3.57 2.98
C ALA A 387 -19.68 1.69 3.52
C ALA A 387 -19.70 2.39 3.93
C ALA A 387 -19.69 1.73 3.53
C ALA A 387 -19.58 2.40 3.96
N GLY A 388 -19.50 1.69 4.84
N GLY A 388 -19.37 1.16 3.53
N GLY A 388 -19.48 1.76 4.84
N GLY A 388 -19.41 1.15 3.53
CA GLY A 388 -19.44 0.48 5.66
CA GLY A 388 -19.41 -0.04 4.40
CA GLY A 388 -19.44 0.56 5.69
CA GLY A 388 -19.42 -0.05 4.41
C GLY A 388 -18.02 0.07 5.91
C GLY A 388 -18.02 -0.51 4.82
C GLY A 388 -18.04 0.03 5.82
C GLY A 388 -18.08 -0.33 5.09
N ILE A 389 -17.08 0.54 5.09
N ILE A 389 -17.02 0.40 4.78
N ILE A 389 -17.08 0.59 5.08
N ILE A 389 -17.02 0.44 4.76
CA ILE A 389 -15.63 0.18 5.23
CA ILE A 389 -15.58 0.22 5.19
CA ILE A 389 -15.65 0.19 5.22
CA ILE A 389 -15.59 0.23 5.19
C ILE A 389 -15.03 1.10 6.30
C ILE A 389 -15.23 1.03 6.42
C ILE A 389 -15.04 1.11 6.29
C ILE A 389 -15.24 1.04 6.43
N GLY A 390 -15.59 2.31 6.47
CA GLY A 390 -15.20 3.23 7.52
C GLY A 390 -13.99 4.07 7.16
N ILE A 391 -13.43 3.88 5.94
CA ILE A 391 -12.32 4.71 5.42
C ILE A 391 -12.36 4.71 3.88
N ASN A 392 -11.94 5.80 3.33
CA ASN A 392 -11.75 5.90 1.88
C ASN A 392 -10.39 5.31 1.55
N ILE A 393 -10.29 4.63 0.43
CA ILE A 393 -9.04 3.90 0.08
C ILE A 393 -8.67 4.25 -1.32
N PHE A 394 -7.53 4.91 -1.49
CA PHE A 394 -6.91 5.13 -2.78
C PHE A 394 -6.06 3.92 -3.05
N GLY A 395 -6.67 2.89 -3.61
CA GLY A 395 -6.01 1.65 -3.96
C GLY A 395 -5.37 1.73 -5.33
N ASP A 396 -5.05 0.57 -5.85
CA ASP A 396 -4.21 0.49 -7.05
C ASP A 396 -4.82 1.24 -8.23
N VAL A 397 -6.14 1.22 -8.41
CA VAL A 397 -6.79 1.96 -9.50
C VAL A 397 -6.33 3.40 -9.51
N ALA A 398 -6.27 4.02 -8.37
CA ALA A 398 -5.82 5.41 -8.29
C ALA A 398 -4.30 5.50 -8.34
N LEU A 399 -3.60 4.68 -7.55
CA LEU A 399 -2.16 4.85 -7.44
C LEU A 399 -1.46 4.57 -8.74
N LYS A 400 -1.96 3.63 -9.54
N LYS A 400 -1.95 3.65 -9.55
N LYS A 400 -1.96 3.63 -9.54
N LYS A 400 -1.95 3.65 -9.55
CA LYS A 400 -1.27 3.27 -10.79
CA LYS A 400 -1.20 3.30 -10.78
CA LYS A 400 -1.26 3.26 -10.80
CA LYS A 400 -1.20 3.30 -10.78
C LYS A 400 -1.32 4.41 -11.80
C LYS A 400 -1.32 4.41 -11.82
C LYS A 400 -1.32 4.41 -11.80
C LYS A 400 -1.32 4.41 -11.82
N ALA A 401 -2.22 5.38 -11.62
CA ALA A 401 -2.25 6.58 -12.48
C ALA A 401 -1.17 7.59 -12.10
N ALA A 402 -0.38 7.34 -11.08
CA ALA A 402 0.58 8.34 -10.58
C ALA A 402 1.90 7.66 -10.27
N PHE A 403 2.91 8.53 -10.15
CA PHE A 403 4.16 8.21 -9.47
C PHE A 403 3.98 8.67 -8.03
N VAL A 404 4.10 7.82 -7.03
CA VAL A 404 3.71 8.11 -5.67
C VAL A 404 4.94 7.99 -4.77
N VAL A 405 5.22 9.06 -4.04
CA VAL A 405 6.30 9.14 -3.05
C VAL A 405 5.78 8.98 -1.67
N PHE A 406 6.28 7.98 -0.96
CA PHE A 406 5.96 7.75 0.45
C PHE A 406 7.16 8.27 1.22
N ASN A 407 7.04 9.54 1.62
N ASN A 407 7.04 9.53 1.63
N ASN A 407 6.98 9.39 1.94
N ASN A 407 6.97 9.40 1.92
CA ASN A 407 8.13 10.28 2.29
CA ASN A 407 8.12 10.26 2.30
CA ASN A 407 8.09 10.05 2.67
CA ASN A 407 8.07 10.07 2.68
C ASN A 407 8.05 10.00 3.79
C ASN A 407 8.06 9.99 3.80
C ASN A 407 7.95 9.75 4.16
C ASN A 407 7.97 9.70 4.16
N GLY A 408 8.98 9.18 4.29
N GLY A 408 8.98 9.18 4.29
N GLY A 408 8.83 8.91 4.69
N GLY A 408 8.88 8.86 4.63
CA GLY A 408 9.08 8.77 5.70
CA GLY A 408 9.08 8.76 5.70
CA GLY A 408 8.75 8.52 6.11
CA GLY A 408 8.88 8.39 6.03
C GLY A 408 10.04 9.60 6.51
C GLY A 408 10.05 9.61 6.52
C GLY A 408 9.61 9.39 7.01
C GLY A 408 9.79 9.22 6.92
N ALA A 409 10.20 10.88 6.17
N ALA A 409 10.20 10.88 6.17
N ALA A 409 10.08 10.53 6.53
N ALA A 409 10.10 10.46 6.52
CA ALA A 409 10.89 11.87 7.02
CA ALA A 409 10.89 11.87 7.01
CA ALA A 409 10.80 11.51 7.37
CA ALA A 409 10.86 11.43 7.35
C ALA A 409 10.23 11.95 8.40
C ALA A 409 10.24 11.96 8.40
C ALA A 409 9.87 11.96 8.50
C ALA A 409 9.98 11.86 8.52
N THR A 410 10.85 12.75 9.27
N THR A 410 10.88 12.76 9.26
N THR A 410 10.45 12.46 9.61
N THR A 410 10.59 12.33 9.61
CA THR A 410 10.43 12.90 10.68
CA THR A 410 10.45 12.97 10.66
CA THR A 410 9.72 12.79 10.85
CA THR A 410 9.90 12.64 10.89
C THR A 410 8.92 13.18 10.70
C THR A 410 8.94 13.18 10.68
C THR A 410 8.49 13.66 10.53
C THR A 410 8.60 13.41 10.61
N THR A 411 8.51 14.14 9.89
N THR A 411 8.50 14.15 9.89
N THR A 411 8.48 14.50 9.48
N THR A 411 8.55 14.25 9.57
CA THR A 411 7.10 14.42 9.53
CA THR A 411 7.09 14.41 9.54
CA THR A 411 7.19 15.06 8.98
CA THR A 411 7.29 14.92 9.11
C THR A 411 6.83 13.75 8.18
C THR A 411 6.83 13.74 8.19
C THR A 411 6.81 14.34 7.70
C THR A 411 6.80 14.28 7.81
N PRO A 412 6.14 12.59 8.13
N PRO A 412 6.14 12.58 8.14
N PRO A 412 6.00 13.25 7.79
N PRO A 412 6.04 13.17 7.87
CA PRO A 412 5.90 11.94 6.85
CA PRO A 412 5.90 11.93 6.85
CA PRO A 412 5.73 12.46 6.59
CA PRO A 412 5.77 12.40 6.67
C PRO A 412 4.98 12.78 5.95
C PRO A 412 4.99 12.76 5.96
C PRO A 412 4.81 13.18 5.61
C PRO A 412 4.86 13.14 5.68
N THR A 413 5.14 12.62 4.64
N THR A 413 5.17 12.63 4.65
N THR A 413 4.96 12.86 4.34
N THR A 413 5.07 12.88 4.39
CA THR A 413 4.26 13.23 3.63
CA THR A 413 4.29 13.25 3.64
CA THR A 413 4.15 13.43 3.26
CA THR A 413 4.23 13.47 3.33
C THR A 413 4.04 12.22 2.48
C THR A 413 4.11 12.28 2.47
C THR A 413 3.99 12.34 2.21
C THR A 413 4.08 12.43 2.25
N LEU A 414 3.07 12.49 1.62
N LEU A 414 3.30 12.70 1.50
N LEU A 414 2.90 12.42 1.49
N LEU A 414 3.14 12.70 1.36
CA LEU A 414 2.92 11.77 0.32
CA LEU A 414 2.94 11.82 0.37
CA LEU A 414 2.79 11.72 0.21
CA LEU A 414 2.80 11.79 0.27
C LEU A 414 3.17 12.73 -0.82
C LEU A 414 2.97 12.65 -0.91
C LEU A 414 3.09 12.72 -0.87
C LEU A 414 2.87 12.62 -1.00
N GLY A 415 3.75 12.27 -1.92
CA GLY A 415 3.84 13.00 -3.14
C GLY A 415 3.20 12.30 -4.29
N PHE A 416 2.55 13.02 -5.16
CA PHE A 416 1.97 12.48 -6.38
C PHE A 416 2.43 13.21 -7.58
N ALA A 417 2.82 12.56 -8.65
CA ALA A 417 3.11 13.16 -9.94
C ALA A 417 2.39 12.36 -11.00
N SER A 418 1.95 13.03 -12.03
N SER A 418 2.12 13.03 -12.10
CA SER A 418 1.52 12.34 -13.25
CA SER A 418 1.65 12.39 -13.35
C SER A 418 2.73 11.64 -13.91
C SER A 418 2.81 11.62 -13.93
N LYS A 419 2.47 10.71 -14.83
CA LYS A 419 3.54 9.94 -15.48
C LYS A 419 3.12 9.47 -16.87
#